data_1CF0
#
_entry.id   1CF0
#
_cell.length_a   68.290
_cell.length_b   97.650
_cell.length_c   38.970
_cell.angle_alpha   90.00
_cell.angle_beta   90.00
_cell.angle_gamma   90.00
#
_symmetry.space_group_name_H-M   'P 21 21 2'
#
loop_
_entity.id
_entity.type
_entity.pdbx_description
1 polymer 'PROTEIN (PROFILIN)'
2 polymer 'PROTEIN (L-PRO10-IODOTYROSINE)'
3 water water
#
loop_
_entity_poly.entity_id
_entity_poly.type
_entity_poly.pdbx_seq_one_letter_code
_entity_poly.pdbx_strand_id
1 'polypeptide(L)'
;GWNAYIDNLMADGTCQDAAIVGYKDSPSVWAAVPGKTFVNITPAEVGVLVGKDRSSFYVNGLTLGGQKCSVIRDSLLQDG
EFSMDLRTKSTGGAPTFNVTVTKTDKTLVLLMGKEGVHGGLINKKCYEMASHLRRSQY
;
A,B
2 'polypeptide(L)' PPPPPPPP(IYR) C
#
# COMPACT_ATOMS: atom_id res chain seq x y z
N GLY A 1 -0.11 0.33 3.99
CA GLY A 1 -1.56 0.06 4.25
C GLY A 1 -1.87 -1.44 4.21
N TRP A 2 -1.01 -2.20 3.52
CA TRP A 2 -1.17 -3.64 3.38
C TRP A 2 -0.98 -4.40 4.69
N ASN A 3 -0.31 -3.76 5.66
CA ASN A 3 -0.04 -4.33 6.99
C ASN A 3 -1.33 -4.71 7.69
N ALA A 4 -2.37 -3.91 7.45
CA ALA A 4 -3.68 -4.10 8.05
C ALA A 4 -4.41 -5.37 7.55
N TYR A 5 -4.13 -5.80 6.33
CA TYR A 5 -4.77 -7.00 5.78
C TYR A 5 -4.23 -8.26 6.42
N ILE A 6 -2.92 -8.27 6.72
CA ILE A 6 -2.29 -9.43 7.38
C ILE A 6 -2.82 -9.51 8.82
N ASP A 7 -2.90 -8.35 9.49
CA ASP A 7 -3.39 -8.24 10.87
C ASP A 7 -4.83 -8.71 10.91
N ASN A 8 -5.57 -8.35 9.87
CA ASN A 8 -6.97 -8.71 9.71
C ASN A 8 -7.12 -10.23 9.65
N LEU A 9 -6.42 -10.85 8.70
CA LEU A 9 -6.46 -12.31 8.53
C LEU A 9 -6.00 -13.08 9.75
N MET A 10 -5.09 -12.49 10.51
CA MET A 10 -4.54 -13.18 11.68
C MET A 10 -5.24 -12.83 12.99
N ALA A 11 -6.11 -11.82 12.95
CA ALA A 11 -6.78 -11.35 14.17
C ALA A 11 -7.53 -12.34 15.02
N ASP A 12 -8.02 -13.43 14.44
CA ASP A 12 -8.78 -14.41 15.22
C ASP A 12 -8.04 -15.67 15.64
N GLY A 13 -6.72 -15.56 15.84
CA GLY A 13 -5.93 -16.69 16.29
C GLY A 13 -5.98 -18.04 15.58
N THR A 14 -6.76 -18.17 14.51
CA THR A 14 -6.84 -19.47 13.81
C THR A 14 -5.74 -19.68 12.78
N CYS A 15 -5.04 -18.63 12.40
CA CYS A 15 -3.98 -18.77 11.40
C CYS A 15 -2.58 -18.54 11.94
N GLN A 16 -1.59 -19.16 11.30
CA GLN A 16 -0.21 -19.00 11.69
C GLN A 16 0.69 -18.31 10.62
N ASP A 17 0.12 -17.99 9.46
CA ASP A 17 0.87 -17.36 8.38
C ASP A 17 -0.14 -16.84 7.34
N ALA A 18 0.22 -15.78 6.63
CA ALA A 18 -0.66 -15.13 5.65
C ALA A 18 0.22 -14.24 4.83
N ALA A 19 -0.17 -14.01 3.56
CA ALA A 19 0.60 -13.17 2.65
C ALA A 19 -0.21 -12.72 1.44
N ILE A 20 0.10 -11.51 0.97
CA ILE A 20 -0.54 -10.96 -0.23
C ILE A 20 0.62 -10.79 -1.20
N VAL A 21 0.63 -11.55 -2.29
CA VAL A 21 1.71 -11.49 -3.27
C VAL A 21 1.22 -10.98 -4.59
N GLY A 22 1.92 -10.01 -5.17
CA GLY A 22 1.52 -9.51 -6.48
C GLY A 22 2.12 -10.48 -7.49
N TYR A 23 1.38 -10.90 -8.52
CA TYR A 23 1.95 -11.85 -9.48
C TYR A 23 2.13 -11.34 -10.91
N LYS A 24 1.54 -10.19 -11.22
CA LYS A 24 1.65 -9.60 -12.53
C LYS A 24 3.09 -9.08 -12.68
N ASP A 25 3.59 -9.06 -13.92
CA ASP A 25 4.95 -8.57 -14.22
C ASP A 25 6.08 -9.18 -13.40
N SER A 26 6.34 -8.63 -12.22
CA SER A 26 7.41 -9.16 -11.38
C SER A 26 6.89 -9.51 -10.01
N PRO A 27 6.60 -10.80 -9.78
CA PRO A 27 6.10 -11.28 -8.49
C PRO A 27 6.87 -10.77 -7.27
N SER A 28 6.13 -10.36 -6.26
CA SER A 28 6.74 -9.81 -5.05
C SER A 28 5.77 -9.87 -3.87
N VAL A 29 6.33 -10.07 -2.67
CA VAL A 29 5.55 -10.14 -1.44
C VAL A 29 5.25 -8.71 -0.98
N TRP A 30 3.97 -8.37 -0.98
CA TRP A 30 3.52 -7.05 -0.60
C TRP A 30 3.33 -6.92 0.89
N ALA A 31 3.15 -8.05 1.57
CA ALA A 31 2.98 -8.08 3.02
C ALA A 31 2.83 -9.53 3.44
N ALA A 32 3.58 -9.92 4.46
CA ALA A 32 3.55 -11.28 4.99
C ALA A 32 3.86 -11.25 6.49
N VAL A 33 3.52 -12.32 7.21
CA VAL A 33 3.79 -12.42 8.64
C VAL A 33 5.29 -12.63 8.80
N PRO A 34 5.96 -11.82 9.64
CA PRO A 34 7.40 -11.95 9.86
C PRO A 34 7.86 -13.19 10.63
N GLY A 35 9.01 -13.69 10.21
CA GLY A 35 9.66 -14.83 10.81
C GLY A 35 9.08 -16.15 10.41
N LYS A 36 8.07 -16.11 9.56
CA LYS A 36 7.36 -17.31 9.11
C LYS A 36 7.84 -17.88 7.79
N THR A 37 6.89 -18.43 7.01
CA THR A 37 7.14 -19.09 5.72
C THR A 37 6.82 -18.32 4.45
N PHE A 38 5.58 -17.82 4.32
CA PHE A 38 5.16 -17.12 3.10
C PHE A 38 6.04 -15.91 2.77
N VAL A 39 6.70 -15.35 3.79
CA VAL A 39 7.56 -14.18 3.60
C VAL A 39 8.70 -14.51 2.64
N ASN A 40 9.06 -15.79 2.55
CA ASN A 40 10.13 -16.22 1.67
C ASN A 40 9.65 -16.77 0.33
N ILE A 41 8.42 -16.44 -0.08
CA ILE A 41 7.93 -16.91 -1.37
C ILE A 41 8.79 -16.31 -2.48
N THR A 42 9.11 -17.14 -3.48
CA THR A 42 9.97 -16.73 -4.58
C THR A 42 9.16 -16.56 -5.86
N PRO A 43 9.69 -15.79 -6.82
CA PRO A 43 8.97 -15.61 -8.09
C PRO A 43 8.80 -16.94 -8.82
N ALA A 44 9.76 -17.87 -8.67
CA ALA A 44 9.67 -19.18 -9.31
C ALA A 44 8.50 -19.97 -8.75
N GLU A 45 8.32 -19.90 -7.43
CA GLU A 45 7.21 -20.56 -6.75
C GLU A 45 5.86 -20.00 -7.21
N VAL A 46 5.78 -18.69 -7.36
CA VAL A 46 4.55 -18.01 -7.81
C VAL A 46 4.27 -18.45 -9.23
N GLY A 47 5.34 -18.69 -9.97
CA GLY A 47 5.24 -19.14 -11.33
C GLY A 47 4.46 -20.43 -11.38
N VAL A 48 4.82 -21.39 -10.53
CA VAL A 48 4.11 -22.66 -10.51
C VAL A 48 2.64 -22.47 -10.13
N LEU A 49 2.38 -21.60 -9.16
CA LEU A 49 1.01 -21.38 -8.74
C LEU A 49 0.11 -20.95 -9.88
N VAL A 50 0.53 -19.95 -10.66
CA VAL A 50 -0.28 -19.46 -11.79
C VAL A 50 0.08 -20.08 -13.15
N GLY A 51 0.81 -21.19 -13.13
CA GLY A 51 1.25 -21.83 -14.36
C GLY A 51 0.23 -22.56 -15.20
N LYS A 52 0.70 -23.08 -16.33
CA LYS A 52 -0.13 -23.82 -17.27
C LYS A 52 -0.41 -25.25 -16.83
N ASP A 53 0.56 -25.89 -16.15
CA ASP A 53 0.41 -27.27 -15.69
C ASP A 53 -0.51 -27.32 -14.47
N ARG A 54 -1.74 -27.78 -14.67
CA ARG A 54 -2.68 -27.81 -13.56
C ARG A 54 -2.91 -29.21 -12.99
N SER A 55 -2.19 -30.19 -13.54
CA SER A 55 -2.32 -31.56 -13.08
C SER A 55 -0.96 -32.29 -13.07
N SER A 56 0.08 -31.55 -12.67
CA SER A 56 1.44 -32.07 -12.58
C SER A 56 1.98 -31.89 -11.16
N PHE A 57 1.60 -30.79 -10.49
CA PHE A 57 1.99 -30.59 -9.10
C PHE A 57 1.11 -31.45 -8.19
N TYR A 58 0.22 -32.21 -8.84
CA TYR A 58 -0.72 -33.13 -8.21
C TYR A 58 -0.08 -34.41 -7.67
N VAL A 59 0.99 -34.87 -8.33
CA VAL A 59 1.71 -36.08 -7.92
C VAL A 59 3.09 -35.73 -7.39
N ASN A 60 3.56 -34.53 -7.73
CA ASN A 60 4.86 -34.06 -7.29
C ASN A 60 4.75 -32.92 -6.27
N GLY A 61 3.52 -32.44 -6.04
CA GLY A 61 3.31 -31.34 -5.09
C GLY A 61 3.96 -30.03 -5.51
N LEU A 62 4.19 -29.14 -4.54
CA LEU A 62 4.83 -27.85 -4.81
C LEU A 62 5.37 -27.21 -3.54
N THR A 63 6.09 -26.10 -3.66
CA THR A 63 6.60 -25.41 -2.48
C THR A 63 6.21 -23.95 -2.44
N LEU A 64 6.07 -23.45 -1.22
CA LEU A 64 5.75 -22.05 -0.93
C LEU A 64 6.72 -21.71 0.19
N GLY A 65 7.66 -20.84 -0.12
CA GLY A 65 8.65 -20.41 0.86
C GLY A 65 9.60 -21.50 1.24
N GLY A 66 9.89 -22.41 0.31
CA GLY A 66 10.77 -23.53 0.59
C GLY A 66 10.03 -24.73 1.16
N GLN A 67 8.86 -24.48 1.71
CA GLN A 67 8.02 -25.49 2.31
C GLN A 67 7.31 -26.32 1.22
N LYS A 68 7.34 -27.65 1.35
CA LYS A 68 6.68 -28.52 0.36
C LYS A 68 5.26 -28.74 0.80
N CYS A 69 4.35 -28.47 -0.10
CA CYS A 69 2.93 -28.62 0.15
C CYS A 69 2.34 -29.64 -0.83
N SER A 70 1.14 -30.11 -0.51
CA SER A 70 0.39 -31.08 -1.33
C SER A 70 -0.88 -30.42 -1.86
N VAL A 71 -1.01 -30.39 -3.17
CA VAL A 71 -2.19 -29.82 -3.77
C VAL A 71 -3.33 -30.82 -3.59
N ILE A 72 -4.33 -30.46 -2.79
CA ILE A 72 -5.45 -31.37 -2.61
C ILE A 72 -6.59 -31.06 -3.59
N ARG A 73 -6.80 -29.79 -3.89
CA ARG A 73 -7.86 -29.34 -4.79
C ARG A 73 -7.43 -28.07 -5.52
N ASP A 74 -7.42 -28.12 -6.85
CA ASP A 74 -7.01 -26.97 -7.67
C ASP A 74 -8.11 -26.29 -8.50
N SER A 75 -8.46 -25.04 -8.19
CA SER A 75 -9.45 -24.31 -8.96
C SER A 75 -9.01 -22.86 -9.05
N LEU A 76 -7.69 -22.66 -8.97
CA LEU A 76 -7.11 -21.32 -9.02
C LEU A 76 -7.48 -20.48 -10.25
N LEU A 77 -7.59 -21.13 -11.40
CA LEU A 77 -7.94 -20.45 -12.65
C LEU A 77 -9.39 -20.69 -13.05
N GLN A 78 -10.20 -21.18 -12.12
CA GLN A 78 -11.58 -21.46 -12.48
C GLN A 78 -12.48 -20.30 -12.22
N ASP A 79 -13.26 -19.97 -13.24
CA ASP A 79 -14.19 -18.86 -13.17
C ASP A 79 -15.07 -19.09 -11.93
N GLY A 80 -15.15 -18.05 -11.11
CA GLY A 80 -15.93 -18.12 -9.88
C GLY A 80 -15.07 -18.44 -8.68
N GLU A 81 -14.76 -19.71 -8.50
CA GLU A 81 -13.94 -20.17 -7.38
C GLU A 81 -12.47 -20.12 -7.76
N PHE A 82 -11.83 -18.97 -7.57
CA PHE A 82 -10.41 -18.80 -7.89
C PHE A 82 -9.59 -19.16 -6.68
N SER A 83 -9.73 -20.41 -6.24
CA SER A 83 -9.04 -20.91 -5.06
C SER A 83 -8.37 -22.26 -5.25
N MET A 84 -7.40 -22.52 -4.40
CA MET A 84 -6.62 -23.75 -4.43
C MET A 84 -6.37 -24.18 -2.99
N ASP A 85 -6.58 -25.45 -2.70
CA ASP A 85 -6.39 -25.98 -1.37
C ASP A 85 -5.19 -26.89 -1.32
N LEU A 86 -4.39 -26.70 -0.28
CA LEU A 86 -3.19 -27.48 -0.10
C LEU A 86 -3.03 -27.83 1.37
N ARG A 87 -2.27 -28.89 1.62
CA ARG A 87 -1.98 -29.30 2.97
C ARG A 87 -0.46 -29.21 3.04
N THR A 88 0.09 -29.08 4.24
CA THR A 88 1.53 -29.01 4.34
C THR A 88 2.14 -30.40 4.39
N LYS A 89 2.89 -30.76 3.35
CA LYS A 89 3.51 -32.07 3.26
C LYS A 89 4.53 -32.30 4.35
N SER A 90 4.04 -32.75 5.50
CA SER A 90 4.90 -33.09 6.61
C SER A 90 5.28 -34.54 6.35
N THR A 91 6.04 -34.73 5.28
CA THR A 91 6.51 -36.04 4.85
C THR A 91 7.39 -36.58 6.00
N GLY A 92 8.06 -35.64 6.67
CA GLY A 92 8.90 -35.94 7.80
C GLY A 92 8.31 -35.28 9.02
N GLY A 93 8.40 -35.95 10.16
CA GLY A 93 7.86 -35.41 11.38
C GLY A 93 6.39 -35.80 11.49
N ALA A 94 5.54 -34.81 11.77
CA ALA A 94 4.11 -35.07 11.91
C ALA A 94 3.15 -33.93 11.68
N PRO A 95 3.41 -32.75 12.28
CA PRO A 95 2.55 -31.56 12.12
C PRO A 95 2.16 -31.11 10.70
N THR A 96 0.85 -31.12 10.44
CA THR A 96 0.30 -30.74 9.14
C THR A 96 -0.74 -29.63 9.21
N PHE A 97 -0.66 -28.70 8.27
CA PHE A 97 -1.58 -27.58 8.26
C PHE A 97 -2.25 -27.39 6.92
N ASN A 98 -3.46 -26.84 6.98
CA ASN A 98 -4.21 -26.55 5.77
C ASN A 98 -3.87 -25.17 5.25
N VAL A 99 -3.66 -25.10 3.95
CA VAL A 99 -3.32 -23.85 3.31
C VAL A 99 -4.32 -23.57 2.17
N THR A 100 -4.57 -22.30 1.89
CA THR A 100 -5.45 -21.91 0.81
C THR A 100 -4.81 -20.72 0.10
N VAL A 101 -4.69 -20.81 -1.23
CA VAL A 101 -4.19 -19.72 -2.07
C VAL A 101 -5.40 -19.25 -2.91
N THR A 102 -5.69 -17.95 -2.88
CA THR A 102 -6.79 -17.39 -3.62
C THR A 102 -6.26 -16.32 -4.55
N LYS A 103 -6.82 -16.24 -5.75
CA LYS A 103 -6.31 -15.33 -6.76
C LYS A 103 -7.22 -14.20 -7.17
N THR A 104 -6.67 -13.01 -7.28
CA THR A 104 -7.46 -11.88 -7.71
C THR A 104 -6.81 -11.38 -8.98
N ASP A 105 -7.06 -10.12 -9.32
CA ASP A 105 -6.52 -9.52 -10.53
C ASP A 105 -5.01 -9.30 -10.53
N LYS A 106 -4.48 -8.82 -9.40
CA LYS A 106 -3.06 -8.52 -9.31
C LYS A 106 -2.38 -9.31 -8.23
N THR A 107 -3.17 -9.94 -7.37
CA THR A 107 -2.61 -10.67 -6.25
C THR A 107 -3.07 -12.09 -6.02
N LEU A 108 -2.39 -12.69 -5.06
CA LEU A 108 -2.64 -14.04 -4.55
C LEU A 108 -2.67 -13.81 -3.01
N VAL A 109 -3.74 -14.23 -2.36
CA VAL A 109 -3.81 -14.08 -0.90
C VAL A 109 -3.52 -15.47 -0.40
N LEU A 110 -2.54 -15.62 0.48
CA LEU A 110 -2.19 -16.92 1.03
C LEU A 110 -2.53 -16.99 2.53
N LEU A 111 -3.02 -18.13 3.01
CA LEU A 111 -3.40 -18.28 4.41
C LEU A 111 -3.06 -19.66 4.95
N MET A 112 -2.47 -19.73 6.14
CA MET A 112 -2.11 -21.00 6.78
C MET A 112 -2.75 -21.06 8.16
N GLY A 113 -3.46 -22.15 8.44
CA GLY A 113 -4.13 -22.25 9.72
C GLY A 113 -3.28 -22.94 10.74
N LYS A 114 -3.60 -22.73 12.02
CA LYS A 114 -2.84 -23.37 13.08
C LYS A 114 -3.19 -24.85 13.09
N GLU A 115 -2.45 -25.65 13.87
CA GLU A 115 -2.67 -27.10 13.95
C GLU A 115 -4.11 -27.42 14.35
N GLY A 116 -4.74 -28.27 13.55
CA GLY A 116 -6.12 -28.66 13.81
C GLY A 116 -7.26 -27.78 13.27
N VAL A 117 -6.95 -26.59 12.74
CA VAL A 117 -8.00 -25.72 12.20
C VAL A 117 -8.63 -26.31 10.92
N HIS A 118 -9.96 -26.37 10.87
CA HIS A 118 -10.70 -26.93 9.74
C HIS A 118 -10.38 -26.21 8.42
N GLY A 119 -10.07 -26.98 7.39
CA GLY A 119 -9.73 -26.44 6.09
C GLY A 119 -10.68 -25.43 5.48
N GLY A 120 -11.98 -25.67 5.60
CA GLY A 120 -12.97 -24.77 5.03
C GLY A 120 -13.02 -23.46 5.75
N LEU A 121 -12.50 -23.46 6.97
CA LEU A 121 -12.46 -22.24 7.76
C LEU A 121 -11.40 -21.34 7.13
N ILE A 122 -10.27 -21.95 6.77
CA ILE A 122 -9.16 -21.26 6.13
C ILE A 122 -9.58 -20.88 4.72
N ASN A 123 -10.39 -21.72 4.08
CA ASN A 123 -10.86 -21.42 2.73
C ASN A 123 -11.80 -20.21 2.72
N LYS A 124 -12.73 -20.21 3.67
CA LYS A 124 -13.69 -19.12 3.83
C LYS A 124 -12.99 -17.78 4.02
N LYS A 125 -12.07 -17.77 4.98
CA LYS A 125 -11.30 -16.60 5.33
C LYS A 125 -10.53 -16.07 4.14
N CYS A 126 -9.83 -16.96 3.45
CA CYS A 126 -9.01 -16.53 2.30
C CYS A 126 -9.82 -16.02 1.12
N TYR A 127 -10.95 -16.69 0.88
CA TYR A 127 -11.85 -16.37 -0.20
C TYR A 127 -12.59 -15.07 -0.03
N GLU A 128 -13.01 -14.77 1.19
CA GLU A 128 -13.74 -13.54 1.38
C GLU A 128 -12.89 -12.28 1.25
N MET A 129 -11.63 -12.38 1.65
CA MET A 129 -10.71 -11.26 1.57
C MET A 129 -10.40 -10.95 0.11
N ALA A 130 -10.18 -12.00 -0.68
CA ALA A 130 -9.89 -11.83 -2.09
C ALA A 130 -11.14 -11.31 -2.81
N SER A 131 -12.30 -11.67 -2.29
CA SER A 131 -13.54 -11.21 -2.86
C SER A 131 -13.58 -9.69 -2.64
N HIS A 132 -13.13 -9.23 -1.47
CA HIS A 132 -13.08 -7.79 -1.13
C HIS A 132 -12.09 -7.08 -2.00
N LEU A 133 -10.97 -7.74 -2.24
CA LEU A 133 -9.89 -7.21 -3.05
C LEU A 133 -10.25 -7.01 -4.53
N ARG A 134 -10.95 -7.96 -5.13
CA ARG A 134 -11.29 -7.81 -6.54
C ARG A 134 -12.43 -6.84 -6.78
N ARG A 135 -13.29 -6.65 -5.79
CA ARG A 135 -14.39 -5.70 -5.91
C ARG A 135 -13.81 -4.29 -5.80
N SER A 136 -12.62 -4.20 -5.21
CA SER A 136 -11.95 -2.92 -5.05
C SER A 136 -10.90 -2.73 -6.14
N GLN A 137 -11.08 -3.52 -7.20
CA GLN A 137 -10.22 -3.51 -8.38
C GLN A 137 -8.79 -4.01 -8.15
N TYR A 138 -8.62 -4.93 -7.22
CA TYR A 138 -7.30 -5.45 -6.91
C TYR A 138 -7.11 -6.91 -7.27
N GLY B 1 6.56 2.34 -9.34
CA GLY B 1 6.14 3.52 -10.14
C GLY B 1 5.48 4.58 -9.29
N TRP B 2 5.99 5.80 -9.37
CA TRP B 2 5.43 6.87 -8.58
C TRP B 2 4.14 7.52 -9.10
N ASN B 3 3.92 7.49 -10.41
CA ASN B 3 2.70 8.08 -10.94
C ASN B 3 1.46 7.33 -10.46
N ALA B 4 1.63 6.08 -10.03
CA ALA B 4 0.55 5.24 -9.51
C ALA B 4 0.07 5.73 -8.13
N TYR B 5 0.97 6.38 -7.40
CA TYR B 5 0.66 6.95 -6.10
C TYR B 5 -0.14 8.18 -6.34
N ILE B 6 0.17 8.89 -7.44
CA ILE B 6 -0.54 10.09 -7.84
C ILE B 6 -1.96 9.69 -8.19
N ASP B 7 -2.12 8.61 -8.96
CA ASP B 7 -3.45 8.11 -9.34
C ASP B 7 -4.29 7.67 -8.13
N ASN B 8 -3.64 6.95 -7.23
CA ASN B 8 -4.28 6.48 -6.02
C ASN B 8 -4.81 7.67 -5.20
N LEU B 9 -3.99 8.71 -5.03
CA LEU B 9 -4.35 9.92 -4.28
C LEU B 9 -5.47 10.76 -4.94
N MET B 10 -5.48 10.80 -6.27
CA MET B 10 -6.46 11.54 -7.06
C MET B 10 -7.80 10.77 -7.36
N ALA B 11 -7.86 9.49 -7.02
CA ALA B 11 -9.04 8.68 -7.34
C ALA B 11 -10.42 9.08 -6.81
N ASP B 12 -10.54 9.40 -5.52
CA ASP B 12 -11.85 9.73 -4.95
C ASP B 12 -12.46 11.07 -5.35
N GLY B 13 -11.66 11.91 -5.99
CA GLY B 13 -12.18 13.18 -6.44
C GLY B 13 -12.16 14.32 -5.46
N THR B 14 -11.70 14.10 -4.22
CA THR B 14 -11.62 15.18 -3.22
C THR B 14 -10.43 16.11 -3.46
N CYS B 15 -9.43 15.62 -4.19
CA CYS B 15 -8.24 16.40 -4.47
C CYS B 15 -8.13 16.96 -5.88
N GLN B 16 -7.47 18.11 -6.00
CA GLN B 16 -7.30 18.67 -7.34
C GLN B 16 -5.83 18.68 -7.75
N ASP B 17 -4.93 18.47 -6.79
CA ASP B 17 -3.50 18.45 -7.07
C ASP B 17 -2.83 17.52 -6.08
N ALA B 18 -1.71 16.92 -6.49
CA ALA B 18 -0.96 15.98 -5.66
C ALA B 18 0.47 15.80 -6.17
N ALA B 19 1.45 15.65 -5.28
CA ALA B 19 2.82 15.45 -5.75
C ALA B 19 3.63 14.69 -4.76
N ILE B 20 4.69 14.08 -5.27
CA ILE B 20 5.62 13.33 -4.48
C ILE B 20 6.97 13.93 -4.90
N VAL B 21 7.59 14.60 -3.93
CA VAL B 21 8.85 15.31 -4.10
C VAL B 21 10.01 14.73 -3.26
N GLY B 22 11.16 14.57 -3.91
CA GLY B 22 12.34 14.07 -3.23
C GLY B 22 13.14 15.29 -2.84
N TYR B 23 13.35 15.46 -1.53
CA TYR B 23 14.09 16.61 -1.00
C TYR B 23 15.55 16.37 -0.63
N LYS B 24 15.93 15.12 -0.38
CA LYS B 24 17.30 14.79 -0.02
C LYS B 24 18.16 15.04 -1.24
N ASP B 25 19.45 15.26 -0.99
CA ASP B 25 20.42 15.49 -2.06
C ASP B 25 19.92 16.55 -3.04
N SER B 26 19.54 16.15 -4.25
CA SER B 26 19.07 17.09 -5.25
C SER B 26 17.55 16.99 -5.41
N PRO B 27 16.80 17.94 -4.85
CA PRO B 27 15.35 18.07 -4.86
C PRO B 27 14.70 18.08 -6.25
N SER B 28 13.66 17.26 -6.44
CA SER B 28 12.93 17.20 -7.70
C SER B 28 11.59 16.47 -7.55
N VAL B 29 10.65 16.83 -8.42
CA VAL B 29 9.32 16.21 -8.43
C VAL B 29 9.45 14.79 -8.99
N TRP B 30 9.16 13.79 -8.18
CA TRP B 30 9.24 12.41 -8.63
C TRP B 30 8.00 12.13 -9.43
N ALA B 31 6.89 12.75 -8.99
CA ALA B 31 5.61 12.63 -9.67
C ALA B 31 4.66 13.75 -9.23
N ALA B 32 3.84 14.24 -10.16
CA ALA B 32 2.85 15.31 -9.89
C ALA B 32 1.70 15.27 -10.90
N VAL B 33 0.71 16.15 -10.75
CA VAL B 33 -0.41 16.20 -11.70
C VAL B 33 -0.06 17.21 -12.79
N PRO B 34 0.12 16.76 -14.06
CA PRO B 34 0.46 17.64 -15.17
C PRO B 34 -0.59 18.73 -15.36
N GLY B 35 -0.12 19.94 -15.65
CA GLY B 35 -1.02 21.07 -15.85
C GLY B 35 -1.55 21.71 -14.58
N LYS B 36 -1.03 21.30 -13.42
CA LYS B 36 -1.44 21.86 -12.14
C LYS B 36 -0.36 22.77 -11.49
N THR B 37 -0.40 22.89 -10.17
CA THR B 37 0.52 23.73 -9.40
C THR B 37 1.80 23.03 -8.89
N PHE B 38 1.62 22.01 -8.04
CA PHE B 38 2.73 21.29 -7.42
C PHE B 38 3.82 20.83 -8.39
N VAL B 39 3.42 20.58 -9.64
CA VAL B 39 4.34 20.08 -10.64
C VAL B 39 5.47 21.05 -10.88
N ASN B 40 5.24 22.31 -10.48
CA ASN B 40 6.19 23.41 -10.66
C ASN B 40 6.99 23.79 -9.41
N ILE B 41 6.92 23.00 -8.35
CA ILE B 41 7.69 23.30 -7.15
C ILE B 41 9.16 23.38 -7.56
N THR B 42 9.86 24.39 -7.05
CA THR B 42 11.26 24.62 -7.35
C THR B 42 12.10 24.11 -6.20
N PRO B 43 13.36 23.76 -6.44
CA PRO B 43 14.28 23.24 -5.41
C PRO B 43 14.44 24.23 -4.26
N ALA B 44 14.23 25.49 -4.59
CA ALA B 44 14.29 26.56 -3.62
C ALA B 44 13.13 26.40 -2.60
N GLU B 45 11.93 26.16 -3.13
CA GLU B 45 10.73 26.00 -2.33
C GLU B 45 10.87 24.76 -1.47
N VAL B 46 11.46 23.72 -2.03
CA VAL B 46 11.65 22.49 -1.28
C VAL B 46 12.62 22.78 -0.13
N GLY B 47 13.62 23.62 -0.41
CA GLY B 47 14.58 24.00 0.60
C GLY B 47 13.94 24.73 1.77
N VAL B 48 12.94 25.56 1.48
CA VAL B 48 12.23 26.29 2.54
C VAL B 48 11.38 25.34 3.39
N LEU B 49 10.64 24.44 2.74
CA LEU B 49 9.81 23.47 3.47
C LEU B 49 10.61 22.57 4.43
N VAL B 50 11.86 22.23 4.11
CA VAL B 50 12.65 21.38 5.02
C VAL B 50 13.79 22.07 5.82
N GLY B 51 14.00 23.37 5.61
CA GLY B 51 15.03 24.10 6.34
C GLY B 51 14.70 24.13 7.83
N LYS B 52 15.71 24.18 8.69
CA LYS B 52 15.46 24.19 10.13
C LYS B 52 14.96 25.53 10.63
N ASP B 53 15.24 26.59 9.87
CA ASP B 53 14.77 27.93 10.23
C ASP B 53 13.35 28.16 9.70
N ARG B 54 12.37 28.11 10.60
CA ARG B 54 10.98 28.29 10.20
C ARG B 54 10.53 29.71 10.36
N SER B 55 11.44 30.65 10.25
CA SER B 55 11.12 32.07 10.43
C SER B 55 10.02 32.65 9.55
N SER B 56 10.23 32.52 8.23
CA SER B 56 9.34 33.05 7.21
C SER B 56 7.87 32.58 7.19
N PHE B 57 7.61 31.34 7.56
CA PHE B 57 6.25 30.80 7.56
C PHE B 57 5.38 31.72 8.37
N TYR B 58 5.89 32.07 9.53
CA TYR B 58 5.19 32.94 10.45
C TYR B 58 5.46 34.42 10.13
N VAL B 59 6.14 34.67 9.00
CA VAL B 59 6.44 36.03 8.55
C VAL B 59 5.29 36.39 7.59
N ASN B 60 5.14 35.58 6.54
CA ASN B 60 4.08 35.75 5.55
C ASN B 60 3.83 34.52 4.64
N GLY B 61 3.74 33.34 5.26
CA GLY B 61 3.50 32.12 4.53
C GLY B 61 4.68 31.68 3.69
N LEU B 62 4.38 30.87 2.69
CA LEU B 62 5.36 30.34 1.76
C LEU B 62 4.66 30.10 0.43
N THR B 63 5.43 29.80 -0.61
CA THR B 63 4.81 29.49 -1.89
C THR B 63 5.13 28.07 -2.25
N LEU B 64 4.21 27.49 -3.01
CA LEU B 64 4.27 26.10 -3.47
C LEU B 64 4.01 26.20 -4.97
N GLY B 65 5.04 25.98 -5.78
CA GLY B 65 4.87 26.10 -7.22
C GLY B 65 4.43 27.48 -7.67
N GLY B 66 4.80 28.51 -6.91
CA GLY B 66 4.44 29.88 -7.25
C GLY B 66 3.21 30.35 -6.49
N GLN B 67 2.46 29.38 -5.98
CA GLN B 67 1.25 29.60 -5.23
C GLN B 67 1.51 29.97 -3.77
N LYS B 68 1.08 31.18 -3.39
CA LYS B 68 1.23 31.70 -2.01
C LYS B 68 0.26 30.98 -1.09
N CYS B 69 0.76 30.54 0.04
CA CYS B 69 -0.05 29.81 1.00
C CYS B 69 0.22 30.36 2.36
N SER B 70 -0.71 30.09 3.29
CA SER B 70 -0.63 30.52 4.67
C SER B 70 -0.43 29.27 5.50
N VAL B 71 0.48 29.32 6.46
CA VAL B 71 0.74 28.18 7.32
C VAL B 71 -0.26 28.14 8.44
N ILE B 72 -1.08 27.11 8.49
CA ILE B 72 -2.05 26.96 9.56
C ILE B 72 -1.32 26.29 10.71
N ARG B 73 -0.62 25.21 10.41
CA ARG B 73 0.16 24.55 11.45
C ARG B 73 1.37 23.90 10.81
N ASP B 74 2.52 24.06 11.47
CA ASP B 74 3.80 23.52 11.01
C ASP B 74 4.41 22.49 11.97
N SER B 75 4.24 21.21 11.68
CA SER B 75 4.82 20.14 12.49
C SER B 75 5.66 19.20 11.60
N LEU B 76 6.01 19.67 10.41
CA LEU B 76 6.75 18.89 9.40
C LEU B 76 8.05 18.29 9.92
N LEU B 77 8.81 19.11 10.63
CA LEU B 77 10.10 18.69 11.14
C LEU B 77 10.03 17.98 12.50
N GLN B 78 8.87 18.04 13.14
CA GLN B 78 8.69 17.41 14.44
C GLN B 78 8.43 15.93 14.31
N ASP B 79 9.20 15.13 15.06
CA ASP B 79 9.10 13.67 15.04
C ASP B 79 7.73 13.13 15.40
N GLY B 80 7.36 12.04 14.72
CA GLY B 80 6.08 11.40 14.96
C GLY B 80 4.87 12.20 14.51
N GLU B 81 5.11 13.37 13.92
CA GLU B 81 4.05 14.24 13.44
C GLU B 81 4.24 14.48 11.93
N PHE B 82 5.42 14.99 11.56
CA PHE B 82 5.86 15.25 10.17
C PHE B 82 4.82 15.77 9.19
N SER B 83 4.05 16.78 9.58
CA SER B 83 3.02 17.35 8.73
C SER B 83 2.85 18.83 8.91
N MET B 84 2.31 19.48 7.88
CA MET B 84 2.10 20.90 7.87
C MET B 84 0.80 21.27 7.17
N ASP B 85 -0.10 21.98 7.87
CA ASP B 85 -1.38 22.46 7.32
C ASP B 85 -1.21 23.84 6.74
N LEU B 86 -1.70 24.01 5.54
CA LEU B 86 -1.59 25.25 4.80
C LEU B 86 -2.97 25.58 4.22
N ARG B 87 -3.10 26.77 3.62
CA ARG B 87 -4.35 27.23 3.03
C ARG B 87 -3.89 28.12 1.91
N THR B 88 -4.28 27.87 0.66
CA THR B 88 -3.84 28.74 -0.42
C THR B 88 -4.38 30.14 -0.17
N LYS B 89 -3.69 31.13 -0.72
CA LYS B 89 -4.17 32.50 -0.54
C LYS B 89 -4.81 32.96 -1.82
N SER B 90 -5.92 33.67 -1.70
CA SER B 90 -6.64 34.15 -2.88
C SER B 90 -6.78 35.67 -2.95
N THR B 91 -6.80 36.15 -4.19
CA THR B 91 -6.97 37.56 -4.49
C THR B 91 -8.43 37.64 -4.94
N GLY B 92 -9.15 38.60 -4.37
CA GLY B 92 -10.54 38.74 -4.72
C GLY B 92 -11.27 37.64 -3.98
N GLY B 93 -12.49 37.37 -4.43
CA GLY B 93 -13.28 36.34 -3.80
C GLY B 93 -13.08 35.00 -4.44
N ALA B 94 -11.89 34.72 -4.93
CA ALA B 94 -11.61 33.42 -5.54
C ALA B 94 -11.51 32.49 -4.37
N PRO B 95 -11.93 31.23 -4.51
CA PRO B 95 -11.82 30.34 -3.36
C PRO B 95 -10.43 29.92 -2.96
N THR B 96 -10.37 29.41 -1.74
CA THR B 96 -9.14 28.92 -1.15
C THR B 96 -9.31 27.45 -0.84
N PHE B 97 -8.18 26.75 -0.86
CA PHE B 97 -8.19 25.32 -0.63
C PHE B 97 -7.18 24.90 0.41
N ASN B 98 -7.49 23.77 1.05
CA ASN B 98 -6.63 23.18 2.05
C ASN B 98 -5.49 22.39 1.42
N VAL B 99 -4.28 22.62 1.91
CA VAL B 99 -3.10 21.91 1.43
C VAL B 99 -2.42 21.23 2.63
N THR B 100 -1.90 20.02 2.44
CA THR B 100 -1.18 19.35 3.52
C THR B 100 0.13 18.84 2.92
N VAL B 101 1.19 18.94 3.70
CA VAL B 101 2.48 18.48 3.25
C VAL B 101 2.96 17.56 4.35
N THR B 102 3.25 16.31 4.00
CA THR B 102 3.78 15.34 4.96
C THR B 102 5.22 15.01 4.50
N LYS B 103 6.04 14.57 5.43
CA LYS B 103 7.42 14.31 5.10
C LYS B 103 7.80 12.95 5.59
N THR B 104 8.52 12.21 4.76
CA THR B 104 8.99 10.89 5.15
C THR B 104 10.52 10.94 5.21
N ASP B 105 11.14 9.79 5.08
CA ASP B 105 12.59 9.73 5.13
C ASP B 105 13.23 10.29 3.86
N LYS B 106 12.63 10.01 2.70
CA LYS B 106 13.16 10.43 1.42
C LYS B 106 12.22 11.30 0.60
N THR B 107 10.98 11.46 1.04
CA THR B 107 9.99 12.17 0.24
C THR B 107 9.16 13.25 0.97
N LEU B 108 8.52 14.12 0.18
CA LEU B 108 7.56 15.14 0.66
C LEU B 108 6.31 14.75 -0.14
N VAL B 109 5.17 14.64 0.52
CA VAL B 109 3.91 14.32 -0.16
C VAL B 109 3.03 15.57 -0.05
N LEU B 110 2.51 16.06 -1.17
CA LEU B 110 1.69 17.26 -1.15
C LEU B 110 0.30 16.99 -1.72
N LEU B 111 -0.74 17.48 -1.02
CA LEU B 111 -2.14 17.30 -1.44
C LEU B 111 -2.88 18.61 -1.36
N MET B 112 -3.67 18.93 -2.38
CA MET B 112 -4.47 20.16 -2.41
C MET B 112 -5.92 19.75 -2.54
N GLY B 113 -6.74 20.16 -1.59
CA GLY B 113 -8.14 19.80 -1.63
C GLY B 113 -8.89 20.64 -2.63
N LYS B 114 -10.03 20.13 -3.08
CA LYS B 114 -10.90 20.87 -4.00
C LYS B 114 -11.68 21.76 -3.08
N GLU B 115 -12.36 22.74 -3.64
CA GLU B 115 -13.17 23.64 -2.82
C GLU B 115 -14.23 22.90 -1.95
N GLY B 116 -14.36 23.29 -0.68
CA GLY B 116 -15.34 22.63 0.15
C GLY B 116 -14.98 21.31 0.80
N VAL B 117 -13.78 20.80 0.54
CA VAL B 117 -13.32 19.56 1.16
C VAL B 117 -12.64 19.99 2.45
N HIS B 118 -13.09 19.47 3.59
CA HIS B 118 -12.48 19.87 4.86
C HIS B 118 -11.01 19.43 5.05
N GLY B 119 -10.22 20.31 5.68
CA GLY B 119 -8.81 20.08 5.88
C GLY B 119 -8.49 18.79 6.59
N GLY B 120 -9.43 18.35 7.43
CA GLY B 120 -9.22 17.13 8.16
C GLY B 120 -9.15 15.92 7.25
N LEU B 121 -9.88 15.97 6.14
CA LEU B 121 -9.89 14.84 5.22
C LEU B 121 -8.60 14.87 4.44
N ILE B 122 -8.21 16.06 3.98
CA ILE B 122 -6.96 16.24 3.21
C ILE B 122 -5.78 15.77 4.08
N ASN B 123 -5.82 16.08 5.35
CA ASN B 123 -4.76 15.72 6.27
C ASN B 123 -4.64 14.22 6.54
N LYS B 124 -5.75 13.51 6.66
CA LYS B 124 -5.67 12.06 6.93
C LYS B 124 -5.16 11.31 5.72
N LYS B 125 -5.64 11.71 4.55
CA LYS B 125 -5.27 11.10 3.28
C LYS B 125 -3.75 11.18 3.06
N CYS B 126 -3.19 12.33 3.43
CA CYS B 126 -1.76 12.60 3.30
C CYS B 126 -0.97 11.82 4.36
N TYR B 127 -1.42 11.90 5.59
CA TYR B 127 -0.80 11.21 6.71
C TYR B 127 -0.77 9.72 6.44
N GLU B 128 -1.87 9.20 5.91
CA GLU B 128 -1.93 7.77 5.63
C GLU B 128 -0.98 7.36 4.51
N MET B 129 -0.81 8.22 3.51
CA MET B 129 0.10 7.92 2.40
C MET B 129 1.53 7.93 2.91
N ALA B 130 1.85 8.94 3.73
CA ALA B 130 3.18 9.12 4.29
C ALA B 130 3.64 8.02 5.25
N SER B 131 2.70 7.49 6.05
CA SER B 131 2.98 6.41 6.99
C SER B 131 3.35 5.15 6.20
N HIS B 132 2.64 4.93 5.09
CA HIS B 132 2.87 3.78 4.20
C HIS B 132 4.30 3.78 3.63
N LEU B 133 4.72 4.93 3.14
CA LEU B 133 6.05 5.11 2.60
C LEU B 133 7.08 4.90 3.68
N ARG B 134 6.84 5.46 4.86
CA ARG B 134 7.75 5.35 6.00
C ARG B 134 8.01 3.91 6.41
N ARG B 135 6.99 3.06 6.34
CA ARG B 135 7.09 1.64 6.67
C ARG B 135 7.98 0.87 5.70
N SER B 136 8.08 1.36 4.47
CA SER B 136 8.89 0.70 3.43
C SER B 136 10.23 1.39 3.24
N GLN B 137 10.62 2.15 4.26
CA GLN B 137 11.88 2.88 4.29
C GLN B 137 12.02 3.94 3.20
N TYR B 138 10.91 4.58 2.87
CA TYR B 138 10.87 5.66 1.89
C TYR B 138 10.51 7.01 2.55
N PRO C 1 -11.77 -7.02 4.81
CA PRO C 1 -10.55 -6.31 4.57
C PRO C 1 -10.75 -4.78 4.61
N PRO C 2 -9.78 -3.98 5.13
CA PRO C 2 -9.87 -2.53 5.23
C PRO C 2 -9.84 -1.86 3.83
N PRO C 3 -9.59 -0.52 3.66
CA PRO C 3 -9.53 0.12 2.35
C PRO C 3 -8.30 -0.37 1.61
N PRO C 4 -8.20 -0.29 0.28
CA PRO C 4 -7.05 -0.76 -0.48
C PRO C 4 -5.78 0.05 -0.21
N PRO C 5 -4.70 -0.56 0.25
CA PRO C 5 -3.46 0.12 0.53
C PRO C 5 -2.79 0.64 -0.75
N PRO C 6 -1.82 1.55 -0.67
CA PRO C 6 -1.16 2.08 -1.82
C PRO C 6 -0.36 1.01 -2.50
N PRO C 7 0.22 1.24 -3.66
CA PRO C 7 1.00 0.26 -4.34
C PRO C 7 2.24 -0.03 -3.51
N PRO C 8 3.07 -1.04 -3.81
CA PRO C 8 4.26 -1.34 -3.04
C PRO C 8 5.27 -0.21 -3.17
#